data_6P3A
#
_entry.id   6P3A
#
_cell.length_a   92.430
_cell.length_b   92.430
_cell.length_c   117.430
_cell.angle_alpha   90.000
_cell.angle_beta   90.000
_cell.angle_gamma   90.000
#
_symmetry.space_group_name_H-M   'P 41 21 2'
#
loop_
_entity.id
_entity.type
_entity.pdbx_description
1 polymer 'Transcription initiation factor TFIID subunit 1'
2 non-polymer 4-{[(3R)-1-(but-3-en-1-yl)-3-methyl-4-(oxan-4-yl)-2-oxo-1,2,3,4-tetrahydropyrido[2,3-b]pyrazin-6-yl]amino}-3-methoxy-N-(1-methylpiperidin-4-yl)benzamide
3 water water
#
_entity_poly.entity_id   1
_entity_poly.type   'polypeptide(L)'
_entity_poly.pdbx_seq_one_letter_code
;SMDDDQVAFSFILDNIVTQKMMAVPDSWPFHHPVNKKFVPDYYKVIVNPMDLETIRKNISKHKYQSRESFLDDVNLILAN
SVKYNGPESQYTKTAQEIVNVCYQTLTEYDEHLTQLEKDICTAKEAALEEAELESLD
;
_entity_poly.pdbx_strand_id   A,B
#
loop_
_chem_comp.id
_chem_comp.type
_chem_comp.name
_chem_comp.formula
NQP non-polymer 4-{[(3R)-1-(but-3-en-1-yl)-3-methyl-4-(oxan-4-yl)-2-oxo-1,2,3,4-tetrahydropyrido[2,3-b]pyrazin-6-yl]amino}-3-methoxy-N-(1-methylpiperidin-4-yl)benzamide 'C31 H42 N6 O4'
#
# COMPACT_ATOMS: atom_id res chain seq x y z
N MET A 2 -20.20 11.45 26.13
CA MET A 2 -21.32 10.73 26.72
C MET A 2 -21.25 9.24 26.38
N ASP A 3 -22.09 8.82 25.43
CA ASP A 3 -22.15 7.42 25.00
C ASP A 3 -21.75 7.26 23.54
N ASP A 4 -21.19 8.29 22.92
CA ASP A 4 -20.69 8.28 21.55
C ASP A 4 -19.20 7.96 21.45
N ASP A 5 -18.50 7.78 22.58
CA ASP A 5 -17.05 7.58 22.51
C ASP A 5 -16.68 6.35 21.69
N GLN A 6 -17.31 5.21 21.96
CA GLN A 6 -17.02 4.00 21.18
C GLN A 6 -17.64 4.05 19.78
N VAL A 7 -18.84 4.61 19.65
CA VAL A 7 -19.44 4.77 18.33
C VAL A 7 -18.50 5.55 17.42
N ALA A 8 -17.96 6.66 17.95
CA ALA A 8 -16.98 7.44 17.20
C ALA A 8 -15.74 6.61 16.91
N PHE A 9 -15.16 6.01 17.96
CA PHE A 9 -13.98 5.18 17.81
C PHE A 9 -14.15 4.14 16.69
N SER A 10 -15.24 3.38 16.73
CA SER A 10 -15.42 2.34 15.74
C SER A 10 -15.78 2.92 14.38
N PHE A 11 -16.25 4.17 14.34
CA PHE A 11 -16.45 4.84 13.06
C PHE A 11 -15.12 5.20 12.41
N ILE A 12 -14.17 5.71 13.20
CA ILE A 12 -12.86 6.05 12.64
C ILE A 12 -12.15 4.80 12.13
N LEU A 13 -12.31 3.68 12.85
CA LEU A 13 -11.69 2.43 12.41
C LEU A 13 -12.27 1.94 11.09
N ASP A 14 -13.60 1.88 10.99
CA ASP A 14 -14.23 1.40 9.77
C ASP A 14 -13.80 2.23 8.56
N ASN A 15 -13.57 3.53 8.75
CA ASN A 15 -13.14 4.37 7.63
C ASN A 15 -11.70 4.05 7.22
N ILE A 16 -10.86 3.64 8.16
CA ILE A 16 -9.53 3.19 7.83
C ILE A 16 -9.60 1.93 6.97
N VAL A 17 -10.43 0.97 7.38
CA VAL A 17 -10.59 -0.28 6.64
C VAL A 17 -11.08 -0.01 5.22
N THR A 18 -12.09 0.84 5.08
CA THR A 18 -12.76 0.97 3.79
C THR A 18 -12.02 1.90 2.84
N GLN A 19 -11.33 2.91 3.35
CA GLN A 19 -10.75 3.95 2.51
C GLN A 19 -9.23 3.97 2.52
N LYS A 20 -8.56 3.16 3.34
CA LYS A 20 -7.11 3.10 3.27
C LYS A 20 -6.58 1.69 3.13
N MET A 21 -7.26 0.70 3.72
CA MET A 21 -6.84 -0.69 3.59
C MET A 21 -7.47 -1.39 2.40
N MET A 22 -8.79 -1.32 2.26
CA MET A 22 -9.44 -1.95 1.11
C MET A 22 -9.08 -1.26 -0.20
N ALA A 23 -8.37 -0.13 -0.13
CA ALA A 23 -7.92 0.59 -1.32
C ALA A 23 -6.51 0.22 -1.74
N VAL A 24 -5.81 -0.57 -0.94
CA VAL A 24 -4.49 -1.08 -1.36
C VAL A 24 -4.64 -1.83 -2.67
N PRO A 25 -3.79 -1.58 -3.67
CA PRO A 25 -3.94 -2.28 -4.95
C PRO A 25 -3.84 -3.79 -4.79
N ASP A 26 -4.73 -4.50 -5.49
CA ASP A 26 -4.78 -5.97 -5.50
C ASP A 26 -5.01 -6.54 -4.10
N SER A 27 -5.84 -5.86 -3.30
CA SER A 27 -6.29 -6.42 -2.03
C SER A 27 -7.65 -7.10 -2.19
N TRP A 28 -8.03 -7.35 -3.43
CA TRP A 28 -9.07 -8.25 -3.94
C TRP A 28 -9.27 -9.47 -3.04
N PRO A 29 -8.21 -10.24 -2.66
CA PRO A 29 -8.43 -11.52 -1.98
C PRO A 29 -8.82 -11.44 -0.51
N PHE A 30 -8.32 -10.44 0.21
CA PHE A 30 -8.53 -10.38 1.64
C PHE A 30 -9.81 -9.67 2.05
N HIS A 31 -10.59 -9.18 1.08
CA HIS A 31 -11.81 -8.45 1.42
C HIS A 31 -12.83 -9.35 2.11
N HIS A 32 -13.05 -10.54 1.58
CA HIS A 32 -14.08 -11.45 2.05
C HIS A 32 -13.46 -12.72 2.60
N PRO A 33 -14.18 -13.49 3.41
CA PRO A 33 -13.66 -14.77 3.87
C PRO A 33 -13.55 -15.75 2.71
N VAL A 34 -12.59 -16.65 2.82
CA VAL A 34 -12.32 -17.62 1.76
C VAL A 34 -13.33 -18.75 1.83
N ASN A 35 -13.77 -19.21 0.66
CA ASN A 35 -14.67 -20.35 0.57
C ASN A 35 -13.85 -21.64 0.67
N LYS A 36 -14.25 -22.52 1.57
CA LYS A 36 -13.45 -23.71 1.86
C LYS A 36 -13.60 -24.80 0.79
N LYS A 37 -14.57 -24.69 -0.10
CA LYS A 37 -14.69 -25.65 -1.18
C LYS A 37 -13.76 -25.34 -2.34
N PHE A 38 -13.12 -24.17 -2.34
CA PHE A 38 -12.23 -23.75 -3.41
C PHE A 38 -10.77 -23.69 -2.96
N VAL A 39 -10.52 -23.73 -1.66
CA VAL A 39 -9.18 -23.80 -1.08
C VAL A 39 -9.17 -24.99 -0.12
N PRO A 40 -8.64 -26.14 -0.55
CA PRO A 40 -8.96 -27.40 0.15
C PRO A 40 -8.29 -27.60 1.50
N ASP A 41 -7.44 -26.68 1.96
CA ASP A 41 -6.74 -26.87 3.22
C ASP A 41 -6.89 -25.73 4.22
N TYR A 42 -7.34 -24.55 3.78
CA TYR A 42 -7.23 -23.31 4.56
C TYR A 42 -7.73 -23.47 6.00
N TYR A 43 -8.99 -23.85 6.16
CA TYR A 43 -9.64 -23.74 7.47
C TYR A 43 -9.19 -24.83 8.45
N LYS A 44 -8.11 -25.55 8.16
CA LYS A 44 -7.47 -26.39 9.16
C LYS A 44 -5.98 -26.17 9.29
N VAL A 45 -5.30 -25.64 8.26
CA VAL A 45 -3.95 -25.11 8.47
C VAL A 45 -4.01 -23.79 9.21
N ILE A 46 -4.95 -22.92 8.83
CA ILE A 46 -5.14 -21.63 9.48
C ILE A 46 -6.21 -21.82 10.56
N VAL A 47 -5.79 -21.84 11.82
CA VAL A 47 -6.73 -22.09 12.91
C VAL A 47 -7.65 -20.89 13.12
N ASN A 48 -7.09 -19.67 13.07
CA ASN A 48 -7.84 -18.44 13.30
C ASN A 48 -7.98 -17.63 12.02
N PRO A 49 -9.03 -17.83 11.24
CA PRO A 49 -9.21 -17.05 10.01
C PRO A 49 -9.60 -15.61 10.31
N MET A 50 -9.22 -14.72 9.39
CA MET A 50 -9.52 -13.30 9.54
C MET A 50 -9.48 -12.64 8.18
N ASP A 51 -10.55 -11.92 7.84
CA ASP A 51 -10.66 -11.11 6.64
C ASP A 51 -11.14 -9.71 7.01
N LEU A 52 -11.17 -8.82 6.02
CA LEU A 52 -11.59 -7.45 6.29
C LEU A 52 -13.10 -7.29 6.39
N GLU A 53 -13.89 -8.23 5.88
CA GLU A 53 -15.34 -8.15 6.06
C GLU A 53 -15.73 -8.49 7.49
N THR A 54 -15.15 -9.54 8.06
CA THR A 54 -15.43 -9.88 9.45
C THR A 54 -14.85 -8.87 10.42
N ILE A 55 -13.83 -8.11 10.00
CA ILE A 55 -13.32 -7.04 10.85
C ILE A 55 -14.35 -5.91 10.94
N ARG A 56 -14.96 -5.55 9.81
CA ARG A 56 -16.01 -4.53 9.83
C ARG A 56 -17.20 -5.00 10.65
N LYS A 57 -17.64 -6.25 10.45
CA LYS A 57 -18.73 -6.79 11.25
C LYS A 57 -18.33 -6.91 12.72
N ASN A 58 -17.04 -7.04 12.99
CA ASN A 58 -16.56 -6.96 14.37
C ASN A 58 -16.52 -5.53 14.87
N ILE A 59 -16.24 -4.57 13.97
CA ILE A 59 -16.24 -3.16 14.35
C ILE A 59 -17.65 -2.72 14.73
N SER A 60 -18.63 -3.04 13.89
CA SER A 60 -20.01 -2.65 14.15
C SER A 60 -20.57 -3.30 15.42
N LYS A 61 -19.89 -4.32 15.95
CA LYS A 61 -20.27 -4.90 17.24
C LYS A 61 -19.56 -4.22 18.40
N HIS A 62 -18.81 -3.17 18.13
CA HIS A 62 -18.02 -2.45 19.14
C HIS A 62 -17.19 -3.44 19.95
N LYS A 63 -16.31 -4.13 19.24
CA LYS A 63 -15.47 -5.17 19.84
C LYS A 63 -14.07 -4.66 20.14
N TYR A 64 -13.58 -3.69 19.39
CA TYR A 64 -12.24 -3.15 19.57
C TYR A 64 -12.35 -1.91 20.42
N GLN A 65 -11.87 -2.01 21.66
CA GLN A 65 -11.83 -0.88 22.58
C GLN A 65 -10.50 -0.14 22.55
N SER A 66 -9.56 -0.57 21.72
CA SER A 66 -8.36 0.20 21.41
C SER A 66 -7.60 -0.51 20.30
N ARG A 67 -6.55 0.15 19.82
CA ARG A 67 -5.83 -0.37 18.66
C ARG A 67 -5.14 -1.69 18.96
N GLU A 68 -4.76 -1.91 20.23
CA GLU A 68 -4.04 -3.12 20.58
C GLU A 68 -4.88 -4.37 20.27
N SER A 69 -6.16 -4.36 20.63
CA SER A 69 -7.03 -5.46 20.26
C SER A 69 -7.43 -5.41 18.78
N PHE A 70 -7.45 -4.21 18.19
CA PHE A 70 -7.74 -4.07 16.78
C PHE A 70 -6.55 -4.49 15.92
N LEU A 71 -5.34 -4.04 16.30
CA LEU A 71 -4.16 -4.46 15.56
C LEU A 71 -3.94 -5.96 15.66
N ASP A 72 -4.38 -6.57 16.76
CA ASP A 72 -4.30 -8.02 16.89
C ASP A 72 -4.97 -8.71 15.71
N ASP A 73 -6.25 -8.37 15.46
CA ASP A 73 -6.99 -9.04 14.40
C ASP A 73 -6.42 -8.74 13.02
N VAL A 74 -6.02 -7.48 12.77
CA VAL A 74 -5.55 -7.13 11.42
C VAL A 74 -4.16 -7.70 11.17
N ASN A 75 -3.33 -7.82 12.20
CA ASN A 75 -2.03 -8.47 12.05
C ASN A 75 -2.18 -9.95 11.71
N LEU A 76 -3.35 -10.52 11.96
CA LEU A 76 -3.56 -11.95 11.81
C LEU A 76 -3.79 -12.36 10.36
N ILE A 77 -4.16 -11.44 9.48
CA ILE A 77 -4.39 -11.84 8.09
C ILE A 77 -3.07 -11.84 7.31
N LEU A 78 -2.07 -11.08 7.79
CA LEU A 78 -0.72 -11.22 7.25
C LEU A 78 -0.04 -12.45 7.80
N ALA A 79 -0.21 -12.71 9.11
CA ALA A 79 0.26 -13.97 9.68
C ALA A 79 -0.39 -15.17 9.02
N ASN A 80 -1.64 -15.03 8.57
CA ASN A 80 -2.32 -16.16 7.94
C ASN A 80 -1.86 -16.40 6.51
N SER A 81 -1.51 -15.34 5.77
CA SER A 81 -1.06 -15.52 4.40
C SER A 81 0.38 -15.99 4.32
N VAL A 82 1.18 -15.70 5.33
CA VAL A 82 2.54 -16.23 5.36
C VAL A 82 2.52 -17.68 5.81
N LYS A 83 1.57 -18.05 6.66
CA LYS A 83 1.41 -19.43 7.08
C LYS A 83 0.68 -20.29 6.06
N TYR A 84 0.25 -19.73 4.94
CA TYR A 84 -0.42 -20.53 3.93
C TYR A 84 0.20 -20.35 2.55
N ASN A 85 0.73 -19.16 2.25
CA ASN A 85 1.26 -18.88 0.93
C ASN A 85 2.77 -18.65 0.93
N GLY A 86 3.41 -18.58 2.11
CA GLY A 86 4.82 -18.33 2.17
C GLY A 86 5.13 -16.85 2.23
N PRO A 87 6.24 -16.50 2.87
CA PRO A 87 6.55 -15.08 3.09
C PRO A 87 6.87 -14.30 1.83
N GLU A 88 7.12 -14.96 0.71
CA GLU A 88 7.51 -14.28 -0.52
C GLU A 88 6.39 -14.24 -1.55
N SER A 89 5.24 -14.84 -1.26
CA SER A 89 4.15 -14.87 -2.23
C SER A 89 3.55 -13.47 -2.41
N GLN A 90 3.01 -13.24 -3.60
CA GLN A 90 2.41 -11.93 -3.90
C GLN A 90 1.23 -11.66 -2.99
N TYR A 91 0.48 -12.70 -2.62
CA TYR A 91 -0.60 -12.54 -1.65
C TYR A 91 -0.06 -12.04 -0.32
N THR A 92 1.01 -12.67 0.18
CA THR A 92 1.63 -12.21 1.41
C THR A 92 2.19 -10.80 1.26
N LYS A 93 2.81 -10.51 0.11
CA LYS A 93 3.35 -9.18 -0.10
C LYS A 93 2.23 -8.14 -0.07
N THR A 94 1.08 -8.46 -0.66
CA THR A 94 -0.05 -7.54 -0.63
C THR A 94 -0.63 -7.38 0.77
N ALA A 95 -0.63 -8.46 1.55
CA ALA A 95 -1.11 -8.35 2.92
C ALA A 95 -0.14 -7.54 3.78
N GLN A 96 1.13 -7.53 3.41
CA GLN A 96 2.10 -6.71 4.15
C GLN A 96 1.83 -5.23 3.94
N GLU A 97 1.28 -4.87 2.78
CA GLU A 97 0.99 -3.47 2.52
C GLU A 97 -0.37 -3.06 3.08
N ILE A 98 -1.31 -4.00 3.18
CA ILE A 98 -2.54 -3.75 3.94
C ILE A 98 -2.21 -3.42 5.38
N VAL A 99 -1.32 -4.20 5.99
CA VAL A 99 -0.91 -3.92 7.36
C VAL A 99 -0.13 -2.62 7.44
N ASN A 100 0.69 -2.32 6.43
CA ASN A 100 1.52 -1.13 6.48
C ASN A 100 0.69 0.14 6.41
N VAL A 101 -0.26 0.21 5.48
CA VAL A 101 -1.10 1.40 5.35
C VAL A 101 -1.95 1.59 6.59
N CYS A 102 -2.26 0.51 7.31
CA CYS A 102 -3.06 0.58 8.52
C CYS A 102 -2.22 0.95 9.73
N TYR A 103 -0.91 1.02 9.60
CA TYR A 103 -0.06 1.45 10.70
C TYR A 103 0.27 2.93 10.64
N GLN A 104 0.57 3.45 9.45
CA GLN A 104 0.80 4.88 9.34
C GLN A 104 -0.49 5.64 9.63
N THR A 105 -1.63 5.09 9.21
CA THR A 105 -2.89 5.78 9.41
C THR A 105 -3.30 5.77 10.87
N LEU A 106 -2.96 4.71 11.61
CA LEU A 106 -3.30 4.70 13.03
C LEU A 106 -2.42 5.64 13.83
N THR A 107 -1.19 5.85 13.40
CA THR A 107 -0.34 6.87 14.01
C THR A 107 -0.43 8.22 13.30
N GLU A 108 -1.11 8.28 12.16
CA GLU A 108 -1.42 9.59 11.57
C GLU A 108 -2.58 10.25 12.31
N TYR A 109 -3.49 9.45 12.85
CA TYR A 109 -4.54 9.91 13.74
C TYR A 109 -4.22 9.57 15.20
N ASP A 110 -2.93 9.53 15.55
CA ASP A 110 -2.50 8.91 16.80
C ASP A 110 -3.10 9.60 18.01
N GLU A 111 -2.72 10.86 18.23
CA GLU A 111 -3.17 11.59 19.42
C GLU A 111 -4.70 11.56 19.56
N HIS A 112 -5.41 11.91 18.49
CA HIS A 112 -6.87 11.94 18.54
C HIS A 112 -7.43 10.57 18.91
N LEU A 113 -6.80 9.51 18.41
CA LEU A 113 -7.24 8.16 18.83
C LEU A 113 -6.87 7.88 20.27
N THR A 114 -5.70 8.36 20.71
CA THR A 114 -5.27 8.11 22.09
C THR A 114 -6.23 8.70 23.10
N GLN A 115 -6.98 9.74 22.73
CA GLN A 115 -7.91 10.34 23.69
C GLN A 115 -9.20 9.56 23.77
N LEU A 116 -9.71 9.07 22.64
CA LEU A 116 -10.92 8.24 22.68
C LEU A 116 -10.70 6.97 23.49
N GLU A 117 -9.48 6.43 23.49
CA GLU A 117 -9.22 5.21 24.23
C GLU A 117 -9.26 5.44 25.73
N LYS A 118 -8.79 6.62 26.18
CA LYS A 118 -8.93 6.97 27.59
C LYS A 118 -10.40 7.13 27.95
N ASP A 119 -11.15 7.82 27.10
CA ASP A 119 -12.56 8.13 27.37
C ASP A 119 -13.41 6.88 27.50
N ILE A 120 -13.30 5.96 26.53
CA ILE A 120 -14.11 4.74 26.56
C ILE A 120 -13.85 3.92 27.83
N CYS A 121 -12.58 3.79 28.23
CA CYS A 121 -12.21 2.92 29.34
C CYS A 121 -12.43 3.57 30.71
N THR A 122 -12.25 4.89 30.81
CA THR A 122 -12.61 5.55 32.06
C THR A 122 -14.10 5.35 32.34
N ALA A 123 -14.93 5.38 31.30
CA ALA A 123 -16.35 5.07 31.46
C ALA A 123 -16.53 3.64 31.97
N LYS A 124 -15.73 2.70 31.46
CA LYS A 124 -15.83 1.32 31.92
C LYS A 124 -15.14 1.10 33.27
N GLU A 125 -14.06 1.82 33.54
CA GLU A 125 -13.56 1.93 34.92
C GLU A 125 -14.64 2.42 35.86
N ALA A 126 -15.14 3.63 35.63
CA ALA A 126 -16.09 4.27 36.55
C ALA A 126 -17.34 3.43 36.72
N ALA A 127 -17.82 2.80 35.64
CA ALA A 127 -19.00 1.95 35.74
C ALA A 127 -18.82 0.85 36.78
N LEU A 128 -17.59 0.33 36.91
CA LEU A 128 -17.31 -0.71 37.89
C LEU A 128 -17.17 -0.13 39.30
N GLU A 129 -16.51 1.02 39.44
CA GLU A 129 -16.32 1.65 40.74
C GLU A 129 -17.43 2.67 41.03
N ASP B 3 -0.76 24.52 -3.19
CA ASP B 3 -0.69 24.18 -4.61
C ASP B 3 -1.70 23.13 -5.04
N ASP B 4 -2.48 23.47 -6.07
CA ASP B 4 -3.31 22.46 -6.72
C ASP B 4 -2.61 21.85 -7.92
N ASP B 5 -1.56 22.51 -8.42
CA ASP B 5 -0.73 21.95 -9.49
C ASP B 5 0.06 20.75 -8.98
N GLN B 6 0.66 20.88 -7.80
CA GLN B 6 1.47 19.81 -7.24
C GLN B 6 0.61 18.61 -6.87
N VAL B 7 -0.54 18.84 -6.24
CA VAL B 7 -1.45 17.75 -5.89
C VAL B 7 -1.94 17.03 -7.14
N ALA B 8 -2.37 17.78 -8.14
CA ALA B 8 -2.84 17.20 -9.38
C ALA B 8 -1.75 16.38 -10.06
N PHE B 9 -0.58 16.99 -10.25
CA PHE B 9 0.54 16.32 -10.90
C PHE B 9 0.78 14.93 -10.33
N SER B 10 0.88 14.82 -9.01
CA SER B 10 1.14 13.52 -8.41
C SER B 10 -0.07 12.61 -8.45
N PHE B 11 -1.27 13.18 -8.60
CA PHE B 11 -2.46 12.36 -8.81
C PHE B 11 -2.44 11.72 -10.20
N ILE B 12 -2.10 12.50 -11.22
CA ILE B 12 -2.02 11.95 -12.57
C ILE B 12 -0.91 10.92 -12.65
N LEU B 13 0.20 11.16 -11.95
CA LEU B 13 1.31 10.20 -11.94
C LEU B 13 0.91 8.92 -11.23
N ASP B 14 0.32 9.04 -10.04
CA ASP B 14 -0.05 7.87 -9.27
C ASP B 14 -0.99 6.96 -10.05
N ASN B 15 -1.89 7.55 -10.84
CA ASN B 15 -2.85 6.74 -11.60
C ASN B 15 -2.18 6.01 -12.75
N ILE B 16 -1.13 6.59 -13.32
CA ILE B 16 -0.36 5.91 -14.36
C ILE B 16 0.27 4.64 -13.80
N VAL B 17 0.92 4.75 -12.63
CA VAL B 17 1.56 3.60 -12.01
C VAL B 17 0.54 2.50 -11.72
N THR B 18 -0.62 2.86 -11.17
CA THR B 18 -1.52 1.86 -10.63
C THR B 18 -2.38 1.18 -11.70
N GLN B 19 -2.73 1.88 -12.77
CA GLN B 19 -3.69 1.35 -13.72
C GLN B 19 -3.12 1.09 -15.11
N LYS B 20 -1.87 1.46 -15.38
CA LYS B 20 -1.28 1.09 -16.66
C LYS B 20 0.07 0.40 -16.48
N MET B 21 0.78 0.71 -15.39
CA MET B 21 2.06 0.04 -15.11
C MET B 21 1.87 -1.23 -14.31
N MET B 22 1.11 -1.16 -13.22
CA MET B 22 0.79 -2.34 -12.42
C MET B 22 -0.16 -3.31 -13.13
N ALA B 23 -0.67 -2.95 -14.30
CA ALA B 23 -1.53 -3.82 -15.08
C ALA B 23 -0.77 -4.66 -16.09
N VAL B 24 0.52 -4.39 -16.26
CA VAL B 24 1.37 -5.22 -17.14
C VAL B 24 1.28 -6.66 -16.66
N PRO B 25 1.09 -7.64 -17.56
CA PRO B 25 0.95 -9.03 -17.11
C PRO B 25 2.20 -9.50 -16.37
N ASP B 26 1.97 -10.19 -15.25
CA ASP B 26 3.06 -10.76 -14.44
C ASP B 26 4.03 -9.67 -13.97
N SER B 27 3.49 -8.53 -13.54
CA SER B 27 4.31 -7.48 -12.95
C SER B 27 4.33 -7.52 -11.43
N TRP B 28 3.79 -8.58 -10.82
CA TRP B 28 3.88 -8.72 -9.37
C TRP B 28 5.32 -8.77 -8.83
N PRO B 29 6.33 -9.26 -9.55
CA PRO B 29 7.69 -9.25 -8.96
C PRO B 29 8.18 -7.86 -8.62
N PHE B 30 7.84 -6.85 -9.43
CA PHE B 30 8.29 -5.49 -9.21
C PHE B 30 7.33 -4.68 -8.35
N HIS B 31 6.19 -5.28 -7.98
CA HIS B 31 5.17 -4.55 -7.24
C HIS B 31 5.68 -4.08 -5.88
N HIS B 32 6.34 -4.96 -5.15
CA HIS B 32 6.82 -4.68 -3.81
C HIS B 32 8.36 -4.72 -3.77
N PRO B 33 8.96 -4.10 -2.77
CA PRO B 33 10.42 -4.22 -2.62
C PRO B 33 10.83 -5.64 -2.25
N VAL B 34 12.06 -5.99 -2.62
CA VAL B 34 12.56 -7.35 -2.40
C VAL B 34 12.93 -7.53 -0.93
N ASN B 35 12.64 -8.73 -0.42
CA ASN B 35 12.99 -9.07 0.95
C ASN B 35 14.45 -9.50 1.00
N LYS B 36 15.22 -8.88 1.90
CA LYS B 36 16.64 -9.17 1.96
C LYS B 36 16.93 -10.49 2.63
N LYS B 37 15.92 -11.09 3.27
CA LYS B 37 16.08 -12.40 3.87
C LYS B 37 15.93 -13.54 2.87
N PHE B 38 15.45 -13.27 1.66
CA PHE B 38 15.22 -14.33 0.70
C PHE B 38 16.11 -14.29 -0.53
N VAL B 39 16.71 -13.14 -0.83
CA VAL B 39 17.75 -13.08 -1.86
C VAL B 39 18.95 -12.36 -1.26
N PRO B 40 19.95 -13.09 -0.79
CA PRO B 40 20.95 -12.52 0.12
C PRO B 40 21.94 -11.58 -0.54
N ASP B 41 21.81 -11.29 -1.84
CA ASP B 41 22.78 -10.47 -2.53
C ASP B 41 22.21 -9.19 -3.12
N TYR B 42 20.89 -9.08 -3.28
CA TYR B 42 20.29 -7.97 -4.01
C TYR B 42 20.81 -6.64 -3.49
N TYR B 43 20.65 -6.39 -2.20
CA TYR B 43 20.98 -5.07 -1.67
C TYR B 43 22.48 -4.84 -1.57
N LYS B 44 23.27 -5.71 -2.19
CA LYS B 44 24.71 -5.54 -2.35
C LYS B 44 25.13 -5.49 -3.80
N VAL B 45 24.41 -6.18 -4.69
CA VAL B 45 24.65 -6.02 -6.13
C VAL B 45 23.95 -4.78 -6.66
N ILE B 46 22.70 -4.55 -6.25
CA ILE B 46 21.93 -3.39 -6.70
C ILE B 46 22.16 -2.26 -5.71
N VAL B 47 22.93 -1.25 -6.12
CA VAL B 47 23.25 -0.14 -5.24
C VAL B 47 22.02 0.74 -5.00
N ASN B 48 21.22 0.97 -6.05
CA ASN B 48 20.03 1.81 -5.97
C ASN B 48 18.79 0.95 -6.13
N PRO B 49 18.23 0.40 -5.05
CA PRO B 49 17.03 -0.42 -5.21
C PRO B 49 15.82 0.45 -5.51
N MET B 50 14.89 -0.11 -6.29
CA MET B 50 13.71 0.65 -6.69
C MET B 50 12.62 -0.30 -7.14
N ASP B 51 11.43 -0.14 -6.57
CA ASP B 51 10.23 -0.82 -7.03
C ASP B 51 9.16 0.24 -7.27
N LEU B 52 8.06 -0.16 -7.90
CA LEU B 52 7.05 0.84 -8.21
C LEU B 52 6.13 1.13 -7.02
N GLU B 53 6.15 0.30 -5.97
CA GLU B 53 5.45 0.69 -4.75
C GLU B 53 6.17 1.83 -4.04
N THR B 54 7.50 1.76 -4.00
CA THR B 54 8.28 2.84 -3.40
C THR B 54 8.17 4.12 -4.23
N ILE B 55 7.86 4.01 -5.52
CA ILE B 55 7.59 5.19 -6.32
C ILE B 55 6.26 5.81 -5.90
N ARG B 56 5.25 4.97 -5.66
CA ARG B 56 3.96 5.47 -5.20
C ARG B 56 4.07 6.14 -3.83
N LYS B 57 4.77 5.49 -2.90
CA LYS B 57 4.99 6.12 -1.59
C LYS B 57 5.83 7.38 -1.72
N ASN B 58 6.67 7.45 -2.77
CA ASN B 58 7.35 8.71 -3.09
C ASN B 58 6.43 9.68 -3.80
N ILE B 59 5.46 9.18 -4.56
CA ILE B 59 4.50 10.05 -5.22
C ILE B 59 3.63 10.77 -4.19
N SER B 60 3.09 10.03 -3.23
CA SER B 60 2.27 10.62 -2.18
C SER B 60 3.06 11.58 -1.30
N LYS B 61 4.38 11.56 -1.35
CA LYS B 61 5.23 12.51 -0.64
C LYS B 61 5.56 13.74 -1.48
N HIS B 62 4.96 13.87 -2.66
CA HIS B 62 5.24 14.97 -3.58
C HIS B 62 6.74 15.11 -3.83
N LYS B 63 7.32 14.06 -4.42
CA LYS B 63 8.75 14.02 -4.67
C LYS B 63 9.12 14.43 -6.08
N TYR B 64 8.24 14.21 -7.04
CA TYR B 64 8.52 14.52 -8.45
C TYR B 64 7.87 15.85 -8.80
N GLN B 65 8.71 16.87 -9.02
CA GLN B 65 8.25 18.17 -9.50
C GLN B 65 8.34 18.29 -11.01
N SER B 66 8.72 17.22 -11.70
CA SER B 66 8.60 17.10 -13.15
C SER B 66 8.92 15.67 -13.55
N ARG B 67 8.61 15.34 -14.80
CA ARG B 67 8.67 13.95 -15.25
C ARG B 67 10.11 13.46 -15.36
N GLU B 68 11.08 14.35 -15.60
CA GLU B 68 12.46 13.94 -15.76
C GLU B 68 12.98 13.23 -14.51
N SER B 69 12.68 13.77 -13.33
CA SER B 69 13.05 13.09 -12.10
C SER B 69 12.16 11.88 -11.84
N PHE B 70 10.94 11.87 -12.38
CA PHE B 70 10.08 10.71 -12.25
C PHE B 70 10.55 9.58 -13.17
N LEU B 71 10.89 9.92 -14.41
CA LEU B 71 11.40 8.91 -15.33
C LEU B 71 12.73 8.34 -14.84
N ASP B 72 13.50 9.13 -14.10
CA ASP B 72 14.75 8.63 -13.52
C ASP B 72 14.50 7.38 -12.68
N ASP B 73 13.57 7.47 -11.72
CA ASP B 73 13.33 6.36 -10.80
C ASP B 73 12.79 5.14 -11.53
N VAL B 74 11.86 5.32 -12.47
CA VAL B 74 11.25 4.17 -13.12
C VAL B 74 12.21 3.52 -14.10
N ASN B 75 13.12 4.31 -14.71
CA ASN B 75 14.15 3.73 -15.57
C ASN B 75 15.11 2.84 -14.80
N LEU B 76 15.19 3.01 -13.48
CA LEU B 76 16.15 2.30 -12.66
C LEU B 76 15.71 0.88 -12.31
N ILE B 77 14.42 0.56 -12.46
CA ILE B 77 13.99 -0.79 -12.10
C ILE B 77 14.23 -1.77 -13.24
N LEU B 78 14.31 -1.29 -14.49
CA LEU B 78 14.75 -2.16 -15.58
C LEU B 78 16.27 -2.26 -15.65
N ALA B 79 16.96 -1.14 -15.45
CA ALA B 79 18.41 -1.16 -15.37
C ALA B 79 18.90 -2.11 -14.30
N ASN B 80 18.14 -2.23 -13.20
CA ASN B 80 18.50 -3.16 -12.14
C ASN B 80 18.16 -4.60 -12.51
N SER B 81 17.12 -4.80 -13.33
CA SER B 81 16.74 -6.14 -13.72
C SER B 81 17.67 -6.73 -14.78
N VAL B 82 18.35 -5.88 -15.56
CA VAL B 82 19.37 -6.40 -16.46
C VAL B 82 20.66 -6.63 -15.69
N LYS B 83 20.89 -5.88 -14.61
CA LYS B 83 22.08 -6.04 -13.78
C LYS B 83 21.95 -7.19 -12.79
N TYR B 84 20.78 -7.83 -12.72
CA TYR B 84 20.62 -8.92 -11.77
C TYR B 84 20.08 -10.18 -12.45
N ASN B 85 19.28 -10.00 -13.51
CA ASN B 85 18.65 -11.11 -14.20
C ASN B 85 19.16 -11.30 -15.62
N GLY B 86 19.97 -10.37 -16.14
CA GLY B 86 20.46 -10.48 -17.49
C GLY B 86 19.51 -9.82 -18.48
N PRO B 87 20.07 -9.30 -19.58
CA PRO B 87 19.23 -8.56 -20.54
C PRO B 87 18.19 -9.42 -21.25
N GLU B 88 18.29 -10.75 -21.17
CA GLU B 88 17.38 -11.64 -21.89
C GLU B 88 16.35 -12.31 -20.98
N SER B 89 16.36 -12.02 -19.69
CA SER B 89 15.42 -12.65 -18.78
C SER B 89 14.00 -12.17 -19.04
N GLN B 90 13.02 -13.04 -18.76
CA GLN B 90 11.63 -12.64 -18.87
C GLN B 90 11.28 -11.54 -17.88
N TYR B 91 11.97 -11.50 -16.74
CA TYR B 91 11.83 -10.37 -15.82
C TYR B 91 12.18 -9.07 -16.52
N THR B 92 13.33 -9.05 -17.20
CA THR B 92 13.72 -7.86 -17.94
C THR B 92 12.72 -7.55 -19.05
N LYS B 93 12.24 -8.59 -19.74
CA LYS B 93 11.27 -8.39 -20.81
C LYS B 93 9.97 -7.80 -20.26
N THR B 94 9.52 -8.29 -19.11
CA THR B 94 8.31 -7.74 -18.50
C THR B 94 8.56 -6.35 -17.95
N ALA B 95 9.75 -6.12 -17.38
CA ALA B 95 10.09 -4.79 -16.87
C ALA B 95 10.36 -3.79 -17.98
N GLN B 96 10.83 -4.26 -19.15
CA GLN B 96 11.07 -3.32 -20.24
C GLN B 96 9.79 -2.73 -20.78
N GLU B 97 8.69 -3.49 -20.74
CA GLU B 97 7.40 -2.95 -21.17
C GLU B 97 6.69 -2.20 -20.06
N ILE B 98 6.98 -2.52 -18.80
CA ILE B 98 6.56 -1.64 -17.71
C ILE B 98 7.10 -0.23 -17.93
N VAL B 99 8.38 -0.14 -18.31
CA VAL B 99 8.97 1.14 -18.67
C VAL B 99 8.35 1.66 -19.96
N ASN B 100 8.08 0.77 -20.92
CA ASN B 100 7.53 1.19 -22.20
C ASN B 100 6.09 1.67 -22.05
N VAL B 101 5.28 0.93 -21.30
CA VAL B 101 3.90 1.36 -21.07
C VAL B 101 3.87 2.66 -20.29
N CYS B 102 4.91 2.93 -19.50
CA CYS B 102 5.01 4.16 -18.74
C CYS B 102 5.57 5.31 -19.56
N TYR B 103 6.04 5.05 -20.77
CA TYR B 103 6.52 6.10 -21.66
C TYR B 103 5.47 6.54 -22.67
N GLN B 104 4.77 5.58 -23.28
CA GLN B 104 3.70 5.93 -24.22
C GLN B 104 2.54 6.60 -23.51
N THR B 105 2.22 6.16 -22.28
CA THR B 105 1.07 6.71 -21.58
C THR B 105 1.33 8.14 -21.11
N LEU B 106 2.58 8.46 -20.75
CA LEU B 106 2.92 9.83 -20.38
C LEU B 106 3.03 10.73 -21.59
N THR B 107 3.29 10.18 -22.78
CA THR B 107 3.29 10.97 -23.99
C THR B 107 1.89 11.09 -24.59
N GLU B 108 0.91 10.35 -24.04
CA GLU B 108 -0.49 10.59 -24.36
C GLU B 108 -1.03 11.79 -23.59
N TYR B 109 -0.47 12.06 -22.41
CA TYR B 109 -0.80 13.25 -21.62
C TYR B 109 0.28 14.32 -21.71
N ASP B 110 0.95 14.44 -22.86
CA ASP B 110 2.20 15.21 -22.93
C ASP B 110 1.97 16.68 -22.57
N GLU B 111 1.16 17.38 -23.37
CA GLU B 111 0.93 18.80 -23.15
C GLU B 111 0.49 19.09 -21.71
N HIS B 112 -0.54 18.39 -21.25
CA HIS B 112 -1.09 18.65 -19.91
C HIS B 112 -0.03 18.49 -18.83
N LEU B 113 0.88 17.52 -18.99
CA LEU B 113 1.97 17.40 -18.03
C LEU B 113 2.93 18.58 -18.15
N THR B 114 3.22 19.03 -19.38
CA THR B 114 4.12 20.15 -19.56
C THR B 114 3.57 21.43 -18.93
N GLN B 115 2.24 21.55 -18.81
CA GLN B 115 1.68 22.76 -18.22
C GLN B 115 1.75 22.72 -16.70
N LEU B 116 1.45 21.58 -16.09
CA LEU B 116 1.63 21.46 -14.66
C LEU B 116 3.09 21.61 -14.26
N GLU B 117 4.01 21.17 -15.12
CA GLU B 117 5.43 21.30 -14.82
C GLU B 117 5.88 22.75 -14.84
N LYS B 118 5.31 23.57 -15.74
CA LYS B 118 5.61 25.00 -15.74
C LYS B 118 5.15 25.67 -14.45
N ASP B 119 3.93 25.37 -14.01
CA ASP B 119 3.35 26.03 -12.85
C ASP B 119 4.17 25.78 -11.59
N ILE B 120 4.48 24.52 -11.30
CA ILE B 120 5.29 24.18 -10.14
C ILE B 120 6.65 24.87 -10.21
N CYS B 121 7.23 24.95 -11.40
CA CYS B 121 8.56 25.56 -11.55
C CYS B 121 8.48 27.07 -11.47
N THR B 122 7.42 27.67 -12.05
CA THR B 122 7.16 29.08 -11.84
C THR B 122 6.78 29.40 -10.39
N ALA B 123 6.05 28.48 -9.73
CA ALA B 123 5.70 28.70 -8.33
C ALA B 123 6.95 28.82 -7.46
N LYS B 124 7.94 27.96 -7.68
CA LYS B 124 9.20 28.07 -6.94
C LYS B 124 10.09 29.15 -7.50
N GLU B 125 9.92 29.50 -8.78
CA GLU B 125 10.47 30.74 -9.31
C GLU B 125 10.10 31.91 -8.40
N ALA B 126 8.80 32.18 -8.31
CA ALA B 126 8.31 33.35 -7.58
C ALA B 126 8.68 33.31 -6.11
N ALA B 127 8.65 32.11 -5.49
CA ALA B 127 8.89 31.98 -4.07
C ALA B 127 10.21 32.62 -3.64
N LEU B 128 11.24 32.53 -4.46
CA LEU B 128 12.51 33.17 -4.14
C LEU B 128 12.48 34.66 -4.48
C4 NQP C . -7.61 -13.93 3.37
C14 NQP C . -8.05 -17.30 -9.69
C5 NQP C . -8.05 -13.96 4.58
C6 NQP C . -7.30 -16.05 -0.84
C11 NQP C . -7.80 -16.75 -5.98
C7 NQP C . -8.41 -15.24 -1.04
C8 NQP C . -9.16 -15.41 -2.18
C9 NQP C . -8.75 -16.37 -3.13
C10 NQP C . -9.13 -16.72 -5.60
C12 NQP C . -7.46 -16.92 -7.30
C13 NQP C . -8.44 -17.10 -8.27
N1 NQP C . -6.48 -15.91 0.31
N2 NQP C . -9.53 -16.55 -4.26
C3 NQP C . -7.39 -15.11 2.47
N3 NQP C . -8.98 -17.78 -10.53
C1 NQP C . -5.51 -16.82 0.61
C15 NQP C . -8.63 -18.42 -11.79
C16 NQP C . -9.04 -17.56 -12.98
C17 NQP C . -8.71 -18.26 -14.29
C18 NQP C . -9.05 -20.22 -15.63
C19 NQP C . -8.94 -20.43 -13.24
C2 NQP C . -6.65 -14.74 1.20
C20 NQP C . -9.27 -19.80 -11.91
C21 NQP C . -9.79 -17.10 -7.88
C22 NQP C . -10.14 -16.91 -6.57
C23 NQP C . -12.47 -17.16 -7.08
C24 NQP C . -6.96 -17.01 -1.83
C25 NQP C . -5.14 -18.65 -2.65
C26 NQP C . -5.95 -19.78 -3.27
C27 NQP C . -5.10 -20.57 -4.22
C28 NQP C . -3.66 -18.76 -4.63
C29 NQP C . -4.42 -17.84 -3.71
C30 NQP C . -5.43 -18.07 -0.24
C31 NQP C . -6.25 -19.18 0.37
N4 NQP C . -9.36 -19.58 -14.36
N5 NQP C . -7.71 -17.17 -2.94
N6 NQP C . -5.88 -17.85 -1.63
O1 NQP C . -4.76 -16.67 1.58
O2 NQP C . -6.90 -17.04 -10.07
O3 NQP C . -11.44 -16.89 -6.12
O4 NQP C . -4.53 -19.73 -5.21
C4 NQP D . 11.96 -6.74 -7.76
C14 NQP D . 10.39 -18.90 -6.51
C5 NQP D . 11.79 -5.63 -7.12
C6 NQP D . 12.49 -10.36 -8.20
C11 NQP D . 11.34 -15.28 -6.85
C7 NQP D . 11.14 -10.10 -7.98
C8 NQP D . 10.37 -11.06 -7.37
C9 NQP D . 10.97 -12.29 -6.99
C10 NQP D . 10.20 -14.63 -6.41
C12 NQP D . 11.38 -16.67 -6.87
C13 NQP D . 10.27 -17.40 -6.47
N1 NQP D . 13.34 -9.42 -8.84
N2 NQP D . 10.13 -13.22 -6.40
C3 NQP D . 12.94 -6.94 -8.88
N3 NQP D . 9.43 -19.62 -5.93
C1 NQP D . 14.70 -9.57 -8.86
C15 NQP D . 9.67 -20.98 -5.46
C16 NQP D . 8.97 -22.01 -6.33
C17 NQP D . 9.22 -23.41 -5.80
C18 NQP D . 9.02 -24.90 -3.93
C19 NQP D . 9.44 -22.57 -3.54
C2 NQP D . 12.76 -8.27 -9.59
C20 NQP D . 9.20 -21.14 -4.02
C21 NQP D . 9.12 -16.75 -6.05
C22 NQP D . 9.06 -15.36 -6.03
C23 NQP D . 7.14 -14.03 -6.62
C24 NQP D . 13.02 -11.61 -7.80
C25 NQP D . 14.98 -13.23 -8.25
C26 NQP D . 14.95 -14.16 -7.05
C27 NQP D . 15.67 -15.45 -7.39
C28 NQP D . 15.28 -15.22 -9.69
C29 NQP D . 14.54 -13.92 -9.53
C30 NQP D . 15.28 -10.74 -8.09
C31 NQP D . 15.69 -10.35 -6.69
N4 NQP D . 8.77 -23.54 -4.41
N5 NQP D . 12.25 -12.55 -7.22
N6 NQP D . 14.36 -11.88 -8.05
O1 NQP D . 15.43 -8.78 -9.44
O2 NQP D . 11.38 -19.42 -7.03
O3 NQP D . 7.96 -14.67 -5.63
O4 NQP D . 15.13 -16.06 -8.55
#